data_7LPK
#
_entry.id   7LPK
#
_cell.length_a   58.420
_cell.length_b   27.180
_cell.length_c   76.910
_cell.angle_alpha   90.000
_cell.angle_beta   93.660
_cell.angle_gamma   90.000
#
_symmetry.space_group_name_H-M   'P 1 21 1'
#
loop_
_entity.id
_entity.type
_entity.pdbx_description
1 polymer 'Nucleosome-remodeling factor subunit BPTF'
2 non-polymer 4-chloranyl-2-methyl-5-[[(3~{R})-pyrrolidin-3-yl]amino]pyridazin-3-one
3 non-polymer 1,2-ETHANEDIOL
4 water water
#
_entity_poly.entity_id   1
_entity_poly.type   'polypeptide(L)'
_entity_poly.pdbx_seq_one_letter_code
;SMSTEDAMTVLTPLTEKDYEGLKRVLRSLQAHKMAWPFLEPVDPNDAPDYYGVIKEPMDLATMEERVQRRYYEKLTEFVA
DMTKIFDNCRYYNPSDSPFYQCAEVLESFFVQKLKGFKASRSH
;
_entity_poly.pdbx_strand_id   A,B
#
loop_
_chem_comp.id
_chem_comp.type
_chem_comp.name
_chem_comp.formula
EDO non-polymer 1,2-ETHANEDIOL 'C2 H6 O2'
Y9P non-polymer 4-chloranyl-2-methyl-5-[[(3~{R})-pyrrolidin-3-yl]amino]pyridazin-3-one 'C9 H13 Cl N4 O'
#
# COMPACT_ATOMS: atom_id res chain seq x y z
N SER A 3 3.30 -7.03 -2.17
CA SER A 3 4.26 -6.53 -3.14
C SER A 3 4.29 -5.01 -3.16
N THR A 4 5.24 -4.44 -3.89
CA THR A 4 5.26 -2.99 -4.08
C THR A 4 4.02 -2.51 -4.80
N GLU A 5 3.64 -3.22 -5.88
CA GLU A 5 2.46 -2.82 -6.64
C GLU A 5 1.20 -2.90 -5.80
N ASP A 6 1.07 -3.96 -4.99
CA ASP A 6 -0.08 -4.07 -4.11
C ASP A 6 -0.16 -2.89 -3.14
N ALA A 7 0.97 -2.58 -2.49
CA ALA A 7 0.98 -1.50 -1.52
C ALA A 7 0.75 -0.14 -2.17
N MET A 8 1.40 0.11 -3.31
CA MET A 8 1.16 1.36 -4.04
C MET A 8 -0.30 1.51 -4.41
N THR A 9 -0.94 0.41 -4.80
CA THR A 9 -2.33 0.46 -5.22
C THR A 9 -3.22 0.95 -4.09
N VAL A 10 -2.98 0.47 -2.86
CA VAL A 10 -3.79 0.84 -1.71
C VAL A 10 -3.39 2.20 -1.15
N LEU A 11 -2.10 2.53 -1.17
CA LEU A 11 -1.59 3.59 -0.32
C LEU A 11 -1.08 4.82 -1.04
N THR A 12 -0.68 4.72 -2.31
CA THR A 12 -0.01 5.84 -2.95
C THR A 12 -1.02 6.69 -3.68
N PRO A 13 -1.20 7.97 -3.30
CA PRO A 13 -2.19 8.81 -3.99
C PRO A 13 -1.91 8.90 -5.48
N LEU A 14 -3.00 8.95 -6.25
CA LEU A 14 -2.89 9.09 -7.70
C LEU A 14 -2.35 10.47 -8.05
N THR A 15 -1.33 10.50 -8.90
CA THR A 15 -0.75 11.74 -9.40
C THR A 15 -1.40 12.16 -10.71
N GLU A 16 -0.98 13.33 -11.21
CA GLU A 16 -1.42 13.79 -12.52
C GLU A 16 -1.06 12.79 -13.61
N LYS A 17 0.18 12.30 -13.58
CA LYS A 17 0.61 11.28 -14.55
C LYS A 17 -0.21 10.01 -14.40
N ASP A 18 -0.52 9.61 -13.17
CA ASP A 18 -1.37 8.44 -12.95
C ASP A 18 -2.71 8.61 -13.64
N TYR A 19 -3.30 9.80 -13.53
CA TYR A 19 -4.61 10.04 -14.13
C TYR A 19 -4.59 9.91 -15.64
N GLU A 20 -3.49 10.29 -16.29
CA GLU A 20 -3.42 10.08 -17.74
C GLU A 20 -3.45 8.59 -18.05
N GLY A 21 -2.79 7.78 -17.24
CA GLY A 21 -2.88 6.34 -17.42
C GLY A 21 -4.26 5.79 -17.13
N LEU A 22 -4.93 6.32 -16.11
CA LEU A 22 -6.31 5.92 -15.84
C LEU A 22 -7.21 6.19 -17.04
N LYS A 23 -7.06 7.37 -17.64
CA LYS A 23 -7.85 7.70 -18.82
C LYS A 23 -7.57 6.74 -19.97
N ARG A 24 -6.30 6.40 -20.19
CA ARG A 24 -5.97 5.45 -21.25
C ARG A 24 -6.62 4.09 -21.00
N VAL A 25 -6.58 3.61 -19.76
CA VAL A 25 -7.21 2.33 -19.43
C VAL A 25 -8.72 2.40 -19.65
N LEU A 26 -9.35 3.47 -19.14
CA LEU A 26 -10.80 3.61 -19.32
C LEU A 26 -11.18 3.67 -20.79
N ARG A 27 -10.45 4.44 -21.59
N ARG A 27 -10.46 4.46 -21.59
CA ARG A 27 -10.76 4.53 -23.01
CA ARG A 27 -10.78 4.54 -23.01
C ARG A 27 -10.57 3.19 -23.71
C ARG A 27 -10.57 3.20 -23.71
N SER A 28 -9.57 2.42 -23.29
CA SER A 28 -9.39 1.08 -23.86
C SER A 28 -10.58 0.20 -23.56
N LEU A 29 -11.12 0.27 -22.34
CA LEU A 29 -12.30 -0.51 -22.01
C LEU A 29 -13.50 -0.05 -22.83
N GLN A 30 -13.71 1.27 -22.94
CA GLN A 30 -14.86 1.77 -23.69
C GLN A 30 -14.81 1.39 -25.16
N ALA A 31 -13.61 1.18 -25.70
CA ALA A 31 -13.44 0.85 -27.12
C ALA A 31 -13.55 -0.65 -27.40
N HIS A 32 -13.55 -1.48 -26.37
CA HIS A 32 -13.52 -2.92 -26.56
C HIS A 32 -14.84 -3.42 -27.13
N LYS A 33 -14.78 -4.43 -28.00
CA LYS A 33 -15.98 -4.93 -28.66
C LYS A 33 -17.03 -5.41 -27.66
N MET A 34 -16.60 -5.92 -26.50
CA MET A 34 -17.51 -6.48 -25.52
C MET A 34 -17.95 -5.48 -24.47
N ALA A 35 -17.62 -4.21 -24.63
CA ALA A 35 -17.92 -3.22 -23.60
C ALA A 35 -19.31 -2.59 -23.72
N TRP A 36 -19.99 -2.75 -24.84
CA TRP A 36 -21.22 -1.98 -25.05
C TRP A 36 -22.28 -2.19 -23.96
N PRO A 37 -22.44 -3.35 -23.33
CA PRO A 37 -23.44 -3.44 -22.25
C PRO A 37 -23.11 -2.59 -21.05
N PHE A 38 -21.88 -2.08 -20.94
CA PHE A 38 -21.42 -1.40 -19.73
C PHE A 38 -21.16 0.09 -19.95
N LEU A 39 -21.45 0.61 -21.14
CA LEU A 39 -21.14 2.00 -21.43
C LEU A 39 -22.04 2.96 -20.66
N GLU A 40 -23.30 2.59 -20.44
CA GLU A 40 -24.28 3.45 -19.81
C GLU A 40 -25.02 2.63 -18.76
N PRO A 41 -25.72 3.28 -17.83
CA PRO A 41 -26.43 2.53 -16.79
C PRO A 41 -27.48 1.58 -17.36
N VAL A 42 -27.71 0.50 -16.62
CA VAL A 42 -28.78 -0.44 -16.97
C VAL A 42 -30.13 0.27 -16.93
N ASP A 43 -30.93 0.07 -17.98
CA ASP A 43 -32.30 0.57 -18.04
C ASP A 43 -33.21 -0.41 -17.31
N PRO A 44 -34.07 0.07 -16.40
CA PRO A 44 -34.97 -0.87 -15.70
C PRO A 44 -35.85 -1.67 -16.63
N ASN A 45 -36.17 -1.15 -17.82
CA ASN A 45 -36.97 -1.93 -18.77
C ASN A 45 -36.19 -3.09 -19.38
N ASP A 46 -34.87 -3.13 -19.19
CA ASP A 46 -34.07 -4.27 -19.63
C ASP A 46 -33.89 -5.31 -18.53
N ALA A 47 -34.25 -4.99 -17.30
CA ALA A 47 -33.80 -5.79 -16.17
C ALA A 47 -34.74 -5.62 -14.98
N PRO A 48 -35.77 -6.45 -14.87
CA PRO A 48 -36.71 -6.33 -13.74
C PRO A 48 -36.00 -6.38 -12.40
N ASP A 49 -36.37 -5.46 -11.52
CA ASP A 49 -35.91 -5.39 -10.15
C ASP A 49 -34.44 -5.05 -10.01
N TYR A 50 -33.78 -4.61 -11.10
CA TYR A 50 -32.34 -4.45 -11.09
C TYR A 50 -31.87 -3.57 -9.94
N TYR A 51 -32.49 -2.39 -9.79
CA TYR A 51 -31.99 -1.44 -8.80
C TYR A 51 -32.32 -1.84 -7.37
N GLY A 52 -33.33 -2.70 -7.17
CA GLY A 52 -33.57 -3.26 -5.85
C GLY A 52 -32.62 -4.39 -5.50
N VAL A 53 -32.13 -5.12 -6.51
CA VAL A 53 -31.21 -6.23 -6.28
C VAL A 53 -29.78 -5.74 -6.14
N ILE A 54 -29.36 -4.83 -7.01
CA ILE A 54 -27.97 -4.36 -7.05
C ILE A 54 -27.81 -3.17 -6.10
N LYS A 55 -26.94 -3.35 -5.12
CA LYS A 55 -26.76 -2.35 -4.06
C LYS A 55 -25.94 -1.15 -4.55
N GLU A 56 -24.95 -1.36 -5.40
CA GLU A 56 -24.04 -0.30 -5.83
C GLU A 56 -23.87 -0.38 -7.34
N PRO A 57 -24.86 0.06 -8.11
CA PRO A 57 -24.74 0.02 -9.56
C PRO A 57 -23.59 0.88 -10.05
N MET A 58 -23.04 0.50 -11.20
CA MET A 58 -21.91 1.23 -11.77
C MET A 58 -21.87 0.96 -13.26
N ASP A 59 -21.30 1.90 -13.99
CA ASP A 59 -21.16 1.77 -15.44
C ASP A 59 -19.97 2.62 -15.86
N LEU A 60 -19.54 2.42 -17.10
CA LEU A 60 -18.35 3.11 -17.58
C LEU A 60 -18.56 4.61 -17.75
N ALA A 61 -19.80 5.06 -18.03
CA ALA A 61 -20.02 6.51 -18.16
C ALA A 61 -19.91 7.19 -16.80
N THR A 62 -20.39 6.55 -15.74
CA THR A 62 -20.22 7.08 -14.39
C THR A 62 -18.74 7.13 -14.01
N MET A 63 -17.98 6.10 -14.36
CA MET A 63 -16.55 6.12 -14.07
C MET A 63 -15.83 7.22 -14.83
N GLU A 64 -16.22 7.44 -16.09
CA GLU A 64 -15.65 8.52 -16.89
C GLU A 64 -15.88 9.86 -16.21
N GLU A 65 -17.12 10.11 -15.78
CA GLU A 65 -17.41 11.35 -15.09
C GLU A 65 -16.53 11.50 -13.85
N ARG A 66 -16.41 10.41 -13.06
CA ARG A 66 -15.60 10.45 -11.86
C ARG A 66 -14.13 10.71 -12.16
N VAL A 67 -13.59 10.10 -13.24
CA VAL A 67 -12.22 10.39 -13.64
C VAL A 67 -12.06 11.86 -14.00
N GLN A 68 -13.01 12.39 -14.77
CA GLN A 68 -12.92 13.78 -15.19
C GLN A 68 -13.01 14.75 -14.02
N ARG A 69 -13.76 14.40 -12.97
CA ARG A 69 -13.87 15.23 -11.78
C ARG A 69 -12.77 14.96 -10.77
N ARG A 70 -11.83 14.07 -11.07
CA ARG A 70 -10.74 13.73 -10.15
C ARG A 70 -11.28 13.15 -8.84
N TYR A 71 -12.32 12.33 -8.97
CA TYR A 71 -12.95 11.70 -7.81
C TYR A 71 -12.01 10.72 -7.11
N TYR A 72 -11.26 9.95 -7.86
CA TYR A 72 -10.45 8.87 -7.29
C TYR A 72 -9.18 9.41 -6.69
N GLU A 73 -8.89 9.02 -5.45
CA GLU A 73 -7.64 9.36 -4.80
C GLU A 73 -6.64 8.22 -4.79
N LYS A 74 -7.12 6.98 -4.84
CA LYS A 74 -6.29 5.79 -4.83
C LYS A 74 -6.71 4.87 -5.96
N LEU A 75 -5.74 4.14 -6.50
CA LEU A 75 -6.04 3.18 -7.54
C LEU A 75 -7.06 2.14 -7.07
N THR A 76 -7.01 1.77 -5.78
N THR A 76 -6.99 1.75 -5.79
CA THR A 76 -7.95 0.78 -5.27
CA THR A 76 -7.96 0.81 -5.23
C THR A 76 -9.40 1.25 -5.40
C THR A 76 -9.39 1.25 -5.49
N GLU A 77 -9.66 2.56 -5.33
CA GLU A 77 -11.02 3.05 -5.49
C GLU A 77 -11.49 2.92 -6.94
N PHE A 78 -10.60 3.22 -7.89
CA PHE A 78 -10.91 3.01 -9.31
C PHE A 78 -11.17 1.54 -9.60
N VAL A 79 -10.29 0.66 -9.10
CA VAL A 79 -10.48 -0.78 -9.29
C VAL A 79 -11.79 -1.25 -8.66
N ALA A 80 -12.14 -0.71 -7.48
CA ALA A 80 -13.39 -1.09 -6.84
C ALA A 80 -14.60 -0.73 -7.69
N ASP A 81 -14.61 0.47 -8.27
CA ASP A 81 -15.73 0.85 -9.14
C ASP A 81 -15.79 -0.04 -10.37
N MET A 82 -14.64 -0.33 -10.98
CA MET A 82 -14.63 -1.18 -12.17
C MET A 82 -15.12 -2.58 -11.83
N THR A 83 -14.66 -3.11 -10.69
CA THR A 83 -15.07 -4.46 -10.30
C THR A 83 -16.57 -4.51 -10.01
N LYS A 84 -17.16 -3.42 -9.51
CA LYS A 84 -18.61 -3.37 -9.35
C LYS A 84 -19.32 -3.67 -10.67
N ILE A 85 -18.84 -3.08 -11.77
CA ILE A 85 -19.50 -3.27 -13.07
C ILE A 85 -19.60 -4.75 -13.38
N PHE A 86 -18.49 -5.47 -13.23
CA PHE A 86 -18.48 -6.88 -13.61
C PHE A 86 -19.17 -7.73 -12.56
N ASP A 87 -18.96 -7.44 -11.28
CA ASP A 87 -19.58 -8.26 -10.23
C ASP A 87 -21.09 -8.09 -10.23
N ASN A 88 -21.56 -6.86 -10.41
CA ASN A 88 -23.00 -6.63 -10.48
C ASN A 88 -23.61 -7.40 -11.62
N CYS A 89 -22.97 -7.37 -12.78
CA CYS A 89 -23.51 -8.06 -13.95
C CYS A 89 -23.61 -9.56 -13.70
N ARG A 90 -22.54 -10.15 -13.16
CA ARG A 90 -22.57 -11.59 -12.92
C ARG A 90 -23.51 -11.96 -11.78
N TYR A 91 -23.72 -11.06 -10.81
CA TYR A 91 -24.64 -11.35 -9.71
C TYR A 91 -26.09 -11.33 -10.18
N TYR A 92 -26.47 -10.32 -10.96
CA TYR A 92 -27.86 -10.19 -11.39
C TYR A 92 -28.26 -11.23 -12.42
N ASN A 93 -27.33 -11.57 -13.35
CA ASN A 93 -27.65 -12.42 -14.51
C ASN A 93 -27.22 -13.86 -14.29
N PRO A 94 -27.92 -14.81 -14.91
CA PRO A 94 -27.43 -16.19 -14.91
C PRO A 94 -26.17 -16.31 -15.75
N SER A 95 -25.43 -17.40 -15.53
CA SER A 95 -24.14 -17.54 -16.18
C SER A 95 -24.24 -17.74 -17.69
N ASP A 96 -25.41 -18.12 -18.21
CA ASP A 96 -25.57 -18.25 -19.66
C ASP A 96 -26.13 -17.00 -20.32
N SER A 97 -26.30 -15.91 -19.56
CA SER A 97 -26.69 -14.63 -20.14
C SER A 97 -25.55 -14.11 -21.01
N PRO A 98 -25.85 -13.50 -22.16
CA PRO A 98 -24.79 -12.86 -22.94
C PRO A 98 -24.11 -11.73 -22.20
N PHE A 99 -24.81 -11.04 -21.28
CA PHE A 99 -24.17 -9.98 -20.51
C PHE A 99 -23.13 -10.56 -19.55
N TYR A 100 -23.46 -11.68 -18.91
CA TYR A 100 -22.50 -12.38 -18.06
C TYR A 100 -21.24 -12.72 -18.84
N GLN A 101 -21.40 -13.22 -20.07
CA GLN A 101 -20.25 -13.55 -20.91
C GLN A 101 -19.41 -12.32 -21.22
N CYS A 102 -20.06 -11.20 -21.55
CA CYS A 102 -19.30 -9.97 -21.79
C CYS A 102 -18.51 -9.54 -20.57
N ALA A 103 -19.11 -9.66 -19.37
CA ALA A 103 -18.41 -9.31 -18.14
C ALA A 103 -17.15 -10.15 -17.97
N GLU A 104 -17.24 -11.45 -18.27
CA GLU A 104 -16.07 -12.32 -18.13
C GLU A 104 -14.95 -11.86 -19.05
N VAL A 105 -15.27 -11.57 -20.31
CA VAL A 105 -14.27 -11.18 -21.29
C VAL A 105 -13.68 -9.82 -20.92
N LEU A 106 -14.55 -8.86 -20.60
CA LEU A 106 -14.07 -7.51 -20.38
C LEU A 106 -13.27 -7.40 -19.08
N GLU A 107 -13.66 -8.14 -18.04
CA GLU A 107 -12.86 -8.12 -16.82
C GLU A 107 -11.47 -8.70 -17.07
N SER A 108 -11.38 -9.75 -17.89
CA SER A 108 -10.08 -10.33 -18.24
C SER A 108 -9.21 -9.29 -18.93
N PHE A 109 -9.79 -8.52 -19.84
CA PHE A 109 -9.06 -7.45 -20.52
C PHE A 109 -8.65 -6.37 -19.52
N PHE A 110 -9.57 -5.99 -18.63
CA PHE A 110 -9.24 -5.01 -17.60
C PHE A 110 -8.05 -5.44 -16.77
N VAL A 111 -8.04 -6.70 -16.34
CA VAL A 111 -6.96 -7.21 -15.50
C VAL A 111 -5.61 -7.09 -16.20
N GLN A 112 -5.58 -7.41 -17.50
CA GLN A 112 -4.35 -7.25 -18.27
C GLN A 112 -3.92 -5.78 -18.30
N LYS A 113 -4.85 -4.87 -18.57
CA LYS A 113 -4.52 -3.45 -18.65
C LYS A 113 -4.12 -2.91 -17.29
N LEU A 114 -4.79 -3.37 -16.24
CA LEU A 114 -4.50 -2.90 -14.89
C LEU A 114 -3.09 -3.28 -14.46
N LYS A 115 -2.69 -4.52 -14.75
CA LYS A 115 -1.33 -4.94 -14.43
C LYS A 115 -0.30 -4.08 -15.16
N GLY A 116 -0.56 -3.75 -16.43
CA GLY A 116 0.33 -2.85 -17.14
C GLY A 116 0.40 -1.48 -16.50
N PHE A 117 -0.75 -0.97 -16.03
CA PHE A 117 -0.75 0.33 -15.40
C PHE A 117 0.03 0.33 -14.10
N LYS A 118 -0.20 -0.69 -13.25
CA LYS A 118 0.56 -0.79 -12.00
C LYS A 118 2.06 -0.84 -12.24
N ALA A 119 2.50 -1.57 -13.27
CA ALA A 119 3.93 -1.66 -13.57
C ALA A 119 4.49 -0.30 -13.96
N SER A 120 3.70 0.51 -14.67
CA SER A 120 4.16 1.83 -15.12
C SER A 120 4.37 2.81 -13.97
N ARG A 121 3.70 2.61 -12.83
CA ARG A 121 3.85 3.54 -11.71
C ARG A 121 5.22 3.40 -11.06
N SER B 1 10.54 9.71 34.33
CA SER B 1 11.01 11.05 33.96
C SER B 1 11.96 10.99 32.79
N MET B 2 12.16 12.13 32.12
CA MET B 2 13.00 12.16 30.93
C MET B 2 14.46 11.85 31.26
N SER B 3 14.96 12.41 32.36
CA SER B 3 16.34 12.14 32.77
C SER B 3 16.57 10.65 33.00
N THR B 4 15.66 10.00 33.72
CA THR B 4 15.81 8.56 33.96
C THR B 4 15.78 7.78 32.66
N GLU B 5 14.90 8.15 31.73
CA GLU B 5 14.79 7.43 30.46
C GLU B 5 16.07 7.57 29.64
N ASP B 6 16.61 8.79 29.54
CA ASP B 6 17.85 9.00 28.80
C ASP B 6 19.01 8.22 29.39
N ALA B 7 19.13 8.20 30.72
CA ALA B 7 20.23 7.48 31.35
C ALA B 7 20.11 5.98 31.15
N MET B 8 18.90 5.44 31.29
CA MET B 8 18.70 3.99 31.07
C MET B 8 19.00 3.60 29.64
N THR B 9 18.61 4.44 28.68
CA THR B 9 18.79 4.10 27.27
C THR B 9 20.26 3.85 26.97
N VAL B 10 21.14 4.66 27.55
CA VAL B 10 22.57 4.55 27.28
C VAL B 10 23.21 3.43 28.11
N LEU B 11 22.81 3.27 29.37
CA LEU B 11 23.61 2.53 30.33
C LEU B 11 23.00 1.22 30.81
N THR B 12 21.69 1.05 30.72
CA THR B 12 21.06 -0.09 31.39
C THR B 12 20.96 -1.27 30.44
N PRO B 13 21.58 -2.41 30.73
CA PRO B 13 21.49 -3.57 29.84
C PRO B 13 20.03 -3.99 29.61
N LEU B 14 19.78 -4.46 28.39
CA LEU B 14 18.46 -4.97 28.04
C LEU B 14 18.21 -6.30 28.74
N THR B 15 17.09 -6.39 29.44
CA THR B 15 16.72 -7.61 30.16
C THR B 15 15.77 -8.45 29.30
N GLU B 16 15.36 -9.60 29.83
CA GLU B 16 14.39 -10.40 29.09
C GLU B 16 13.05 -9.68 28.98
N LYS B 17 12.63 -8.99 30.05
CA LYS B 17 11.41 -8.18 29.96
C LYS B 17 11.56 -7.04 28.96
N ASP B 18 12.71 -6.38 28.94
CA ASP B 18 12.96 -5.38 27.91
C ASP B 18 12.79 -5.98 26.52
N TYR B 19 13.30 -7.19 26.31
CA TYR B 19 13.20 -7.81 25.00
C TYR B 19 11.76 -8.10 24.60
N GLU B 20 10.88 -8.43 25.54
CA GLU B 20 9.48 -8.59 25.19
C GLU B 20 8.90 -7.26 24.70
N GLY B 21 9.34 -6.15 25.30
CA GLY B 21 8.92 -4.85 24.81
C GLY B 21 9.48 -4.51 23.45
N LEU B 22 10.74 -4.86 23.20
CA LEU B 22 11.32 -4.65 21.88
C LEU B 22 10.56 -5.43 20.81
N LYS B 23 10.21 -6.67 21.10
CA LYS B 23 9.41 -7.45 20.15
C LYS B 23 8.05 -6.80 19.89
N ARG B 24 7.41 -6.29 20.94
CA ARG B 24 6.13 -5.61 20.75
C ARG B 24 6.28 -4.40 19.83
N VAL B 25 7.31 -3.60 20.05
CA VAL B 25 7.57 -2.44 19.18
C VAL B 25 7.83 -2.90 17.75
N LEU B 26 8.69 -3.89 17.58
CA LEU B 26 9.00 -4.35 16.23
C LEU B 26 7.75 -4.89 15.52
N ARG B 27 6.94 -5.68 16.22
CA ARG B 27 5.71 -6.20 15.60
C ARG B 27 4.74 -5.07 15.24
N SER B 28 4.67 -4.03 16.08
CA SER B 28 3.83 -2.88 15.76
C SER B 28 4.29 -2.21 14.46
N LEU B 29 5.61 -2.04 14.30
CA LEU B 29 6.10 -1.43 13.07
C LEU B 29 5.82 -2.32 11.87
N GLN B 30 6.04 -3.62 12.00
CA GLN B 30 5.82 -4.53 10.88
C GLN B 30 4.36 -4.57 10.45
N ALA B 31 3.43 -4.32 11.38
CA ALA B 31 1.99 -4.32 11.10
C ALA B 31 1.48 -3.00 10.54
N HIS B 32 2.26 -1.93 10.64
CA HIS B 32 1.83 -0.62 10.19
C HIS B 32 1.76 -0.59 8.67
N LYS B 33 0.72 0.06 8.13
CA LYS B 33 0.52 0.07 6.69
C LYS B 33 1.70 0.70 5.95
N MET B 34 2.35 1.69 6.56
CA MET B 34 3.45 2.37 5.91
C MET B 34 4.80 1.66 6.06
N ALA B 35 4.82 0.47 6.66
CA ALA B 35 6.07 -0.27 6.77
C ALA B 35 6.38 -1.10 5.54
N TRP B 36 5.48 -1.14 4.55
CA TRP B 36 5.69 -1.97 3.37
C TRP B 36 7.07 -1.82 2.72
N PRO B 37 7.68 -0.63 2.60
CA PRO B 37 9.00 -0.55 1.95
C PRO B 37 10.12 -1.19 2.76
N PHE B 38 9.89 -1.50 4.03
CA PHE B 38 10.98 -1.78 4.97
C PHE B 38 10.93 -3.19 5.53
N LEU B 39 10.01 -4.03 5.09
CA LEU B 39 9.86 -5.36 5.67
C LEU B 39 10.98 -6.29 5.24
N GLU B 40 11.54 -6.09 4.05
CA GLU B 40 12.60 -6.93 3.51
C GLU B 40 13.71 -6.03 2.99
N PRO B 41 14.91 -6.57 2.79
CA PRO B 41 15.99 -5.73 2.28
C PRO B 41 15.69 -5.18 0.88
N VAL B 42 16.28 -4.02 0.59
CA VAL B 42 16.15 -3.43 -0.73
C VAL B 42 16.71 -4.35 -1.79
N ASP B 43 15.93 -4.60 -2.85
CA ASP B 43 16.47 -5.36 -3.97
C ASP B 43 17.17 -4.41 -4.93
N PRO B 44 18.39 -4.72 -5.38
CA PRO B 44 19.07 -3.81 -6.30
C PRO B 44 18.32 -3.58 -7.60
N ASN B 45 17.40 -4.49 -7.98
CA ASN B 45 16.56 -4.28 -9.16
C ASN B 45 15.82 -2.96 -9.08
N ASP B 46 15.34 -2.59 -7.89
CA ASP B 46 14.51 -1.41 -7.70
C ASP B 46 15.34 -0.17 -7.42
N ALA B 47 16.65 -0.28 -7.36
CA ALA B 47 17.44 0.80 -6.79
C ALA B 47 18.86 0.73 -7.32
N PRO B 48 19.11 1.31 -8.49
CA PRO B 48 20.47 1.29 -9.04
C PRO B 48 21.47 1.88 -8.07
N ASP B 49 22.60 1.18 -7.93
CA ASP B 49 23.74 1.58 -7.12
C ASP B 49 23.44 1.60 -5.62
N TYR B 50 22.32 1.02 -5.18
CA TYR B 50 21.90 1.19 -3.79
C TYR B 50 22.99 0.77 -2.81
N TYR B 51 23.57 -0.42 -2.99
CA TYR B 51 24.52 -0.92 -2.00
C TYR B 51 25.87 -0.22 -2.05
N GLY B 52 26.22 0.41 -3.18
CA GLY B 52 27.41 1.25 -3.21
C GLY B 52 27.19 2.60 -2.57
N VAL B 53 25.94 3.08 -2.57
CA VAL B 53 25.61 4.38 -1.98
C VAL B 53 25.37 4.28 -0.49
N ILE B 54 24.63 3.25 -0.06
CA ILE B 54 24.25 3.11 1.34
C ILE B 54 25.32 2.31 2.06
N LYS B 55 25.93 2.92 3.07
CA LYS B 55 27.05 2.32 3.78
C LYS B 55 26.61 1.22 4.75
N GLU B 56 25.47 1.39 5.39
CA GLU B 56 25.00 0.46 6.43
C GLU B 56 23.53 0.15 6.20
N PRO B 57 23.22 -0.70 5.21
CA PRO B 57 21.82 -1.04 4.94
C PRO B 57 21.18 -1.71 6.14
N MET B 58 19.87 -1.53 6.26
CA MET B 58 19.12 -2.16 7.34
C MET B 58 17.66 -2.27 6.91
N ASP B 59 16.96 -3.24 7.48
CA ASP B 59 15.55 -3.46 7.18
C ASP B 59 14.96 -4.15 8.39
N LEU B 60 13.62 -4.24 8.41
CA LEU B 60 12.94 -4.77 9.59
C LEU B 60 13.14 -6.28 9.74
N ALA B 61 13.35 -7.00 8.64
CA ALA B 61 13.60 -8.45 8.76
C ALA B 61 14.96 -8.73 9.39
N THR B 62 15.98 -7.95 9.02
CA THR B 62 17.28 -8.06 9.69
C THR B 62 17.18 -7.67 11.16
N MET B 63 16.41 -6.64 11.49
CA MET B 63 16.24 -6.30 12.90
C MET B 63 15.51 -7.40 13.66
N GLU B 64 14.51 -8.02 13.03
CA GLU B 64 13.83 -9.14 13.66
C GLU B 64 14.80 -10.27 13.98
N GLU B 65 15.64 -10.64 13.01
CA GLU B 65 16.62 -11.69 13.26
C GLU B 65 17.52 -11.31 14.43
N ARG B 66 17.98 -10.05 14.47
CA ARG B 66 18.86 -9.60 15.54
C ARG B 66 18.16 -9.63 16.89
N VAL B 67 16.89 -9.24 16.94
CA VAL B 67 16.13 -9.35 18.18
C VAL B 67 16.04 -10.81 18.62
N GLN B 68 15.72 -11.71 17.67
CA GLN B 68 15.56 -13.12 18.03
C GLN B 68 16.87 -13.73 18.52
N ARG B 69 18.00 -13.26 18.02
CA ARG B 69 19.31 -13.75 18.43
C ARG B 69 19.84 -13.02 19.65
N ARG B 70 19.09 -12.08 20.21
CA ARG B 70 19.51 -11.30 21.37
C ARG B 70 20.78 -10.51 21.08
N TYR B 71 20.85 -9.96 19.86
CA TYR B 71 22.03 -9.22 19.43
C TYR B 71 22.23 -7.94 20.24
N TYR B 72 21.15 -7.25 20.58
CA TYR B 72 21.26 -5.94 21.21
C TYR B 72 21.55 -6.05 22.71
N GLU B 73 22.52 -5.28 23.17
CA GLU B 73 22.84 -5.19 24.59
C GLU B 73 22.28 -3.93 25.24
N LYS B 74 22.19 -2.83 24.51
CA LYS B 74 21.65 -1.58 25.00
C LYS B 74 20.62 -1.05 24.03
N LEU B 75 19.65 -0.28 24.55
CA LEU B 75 18.61 0.30 23.69
C LEU B 75 19.19 1.19 22.61
N THR B 76 20.30 1.88 22.89
N THR B 76 20.30 1.86 22.89
CA THR B 76 20.93 2.74 21.88
CA THR B 76 20.94 2.73 21.90
C THR B 76 21.22 1.99 20.59
C THR B 76 21.23 1.98 20.60
N GLU B 77 21.65 0.72 20.70
CA GLU B 77 22.00 -0.05 19.50
C GLU B 77 20.77 -0.42 18.69
N PHE B 78 19.67 -0.75 19.37
CA PHE B 78 18.42 -1.01 18.69
C PHE B 78 17.91 0.24 17.97
N VAL B 79 17.93 1.38 18.67
CA VAL B 79 17.52 2.65 18.06
C VAL B 79 18.41 2.99 16.88
N ALA B 80 19.71 2.75 16.98
CA ALA B 80 20.62 3.06 15.87
C ALA B 80 20.29 2.24 14.63
N ASP B 81 20.04 0.93 14.79
CA ASP B 81 19.67 0.13 13.64
C ASP B 81 18.37 0.61 13.02
N MET B 82 17.35 0.90 13.86
CA MET B 82 16.08 1.37 13.34
C MET B 82 16.24 2.69 12.60
N THR B 83 17.06 3.59 13.14
CA THR B 83 17.26 4.88 12.51
C THR B 83 17.96 4.74 11.16
N LYS B 84 18.84 3.74 11.00
CA LYS B 84 19.41 3.47 9.68
C LYS B 84 18.34 3.24 8.63
N ILE B 85 17.29 2.48 8.97
CA ILE B 85 16.23 2.20 8.00
C ILE B 85 15.69 3.50 7.42
N PHE B 86 15.34 4.45 8.28
CA PHE B 86 14.69 5.66 7.80
C PHE B 86 15.70 6.63 7.20
N ASP B 87 16.89 6.76 7.80
CA ASP B 87 17.89 7.67 7.25
C ASP B 87 18.39 7.20 5.90
N ASN B 88 18.64 5.89 5.76
CA ASN B 88 19.09 5.38 4.47
C ASN B 88 18.05 5.67 3.40
N CYS B 89 16.77 5.44 3.72
CA CYS B 89 15.71 5.63 2.75
C CYS B 89 15.65 7.08 2.31
N ARG B 90 15.69 8.01 3.26
CA ARG B 90 15.60 9.41 2.89
C ARG B 90 16.86 9.89 2.18
N TYR B 91 18.02 9.29 2.48
CA TYR B 91 19.25 9.69 1.79
C TYR B 91 19.25 9.24 0.34
N TYR B 92 18.81 8.01 0.08
CA TYR B 92 18.89 7.47 -1.28
C TYR B 92 17.82 8.06 -2.19
N ASN B 93 16.63 8.34 -1.64
CA ASN B 93 15.47 8.68 -2.46
C ASN B 93 15.17 10.17 -2.45
N PRO B 94 14.55 10.68 -3.51
CA PRO B 94 14.07 12.06 -3.49
C PRO B 94 12.88 12.18 -2.54
N SER B 95 12.63 13.41 -2.09
CA SER B 95 11.62 13.61 -1.05
C SER B 95 10.20 13.31 -1.53
N ASP B 96 9.96 13.27 -2.85
CA ASP B 96 8.64 12.94 -3.37
C ASP B 96 8.44 11.45 -3.65
N SER B 97 9.44 10.62 -3.37
CA SER B 97 9.30 9.19 -3.55
C SER B 97 8.31 8.62 -2.53
N PRO B 98 7.50 7.64 -2.93
CA PRO B 98 6.66 6.94 -1.93
C PRO B 98 7.47 6.32 -0.81
N PHE B 99 8.68 5.82 -1.09
CA PHE B 99 9.51 5.27 -0.02
C PHE B 99 9.85 6.33 1.02
N TYR B 100 10.27 7.51 0.55
CA TYR B 100 10.62 8.60 1.45
C TYR B 100 9.43 8.99 2.32
N GLN B 101 8.24 9.10 1.71
CA GLN B 101 7.04 9.44 2.47
C GLN B 101 6.77 8.41 3.57
N CYS B 102 6.92 7.13 3.23
CA CYS B 102 6.71 6.07 4.23
C CYS B 102 7.72 6.20 5.36
N ALA B 103 8.98 6.51 5.04
CA ALA B 103 9.97 6.67 6.09
C ALA B 103 9.57 7.77 7.07
N GLU B 104 9.04 8.88 6.56
CA GLU B 104 8.61 9.98 7.43
C GLU B 104 7.51 9.53 8.38
N VAL B 105 6.48 8.85 7.86
CA VAL B 105 5.37 8.41 8.69
C VAL B 105 5.83 7.35 9.68
N LEU B 106 6.53 6.33 9.20
CA LEU B 106 6.92 5.23 10.07
C LEU B 106 7.91 5.66 11.14
N GLU B 107 8.82 6.58 10.83
CA GLU B 107 9.71 7.07 11.88
C GLU B 107 8.93 7.81 12.96
N SER B 108 7.93 8.61 12.56
CA SER B 108 7.10 9.31 13.54
C SER B 108 6.40 8.32 14.46
N PHE B 109 5.88 7.23 13.88
CA PHE B 109 5.25 6.18 14.68
C PHE B 109 6.26 5.51 15.60
N PHE B 110 7.45 5.21 15.08
CA PHE B 110 8.50 4.61 15.90
C PHE B 110 8.86 5.51 17.08
N VAL B 111 8.98 6.82 16.84
CA VAL B 111 9.33 7.73 17.93
C VAL B 111 8.30 7.66 19.05
N GLN B 112 7.02 7.62 18.68
CA GLN B 112 5.97 7.50 19.68
C GLN B 112 6.09 6.19 20.46
N LYS B 113 6.27 5.07 19.76
CA LYS B 113 6.36 3.77 20.42
C LYS B 113 7.62 3.69 21.26
N LEU B 114 8.73 4.23 20.75
CA LEU B 114 9.97 4.22 21.52
C LEU B 114 9.82 4.96 22.83
N LYS B 115 9.18 6.14 22.81
CA LYS B 115 8.99 6.90 24.03
C LYS B 115 8.16 6.11 25.03
N GLY B 116 7.12 5.42 24.57
CA GLY B 116 6.33 4.59 25.45
C GLY B 116 7.12 3.44 26.02
N PHE B 117 8.00 2.84 25.21
CA PHE B 117 8.85 1.76 25.70
C PHE B 117 9.79 2.26 26.79
N LYS B 118 10.43 3.41 26.57
CA LYS B 118 11.33 3.95 27.59
C LYS B 118 10.60 4.25 28.88
N ALA B 119 9.38 4.80 28.80
CA ALA B 119 8.61 5.07 30.00
C ALA B 119 8.32 3.79 30.76
N SER B 120 7.99 2.72 30.04
CA SER B 120 7.65 1.44 30.65
C SER B 120 8.85 0.84 31.38
N ARG B 121 10.07 1.09 30.90
CA ARG B 121 11.27 0.58 31.58
C ARG B 121 11.52 1.32 32.88
N SER B 122 11.14 2.59 32.96
CA SER B 122 11.44 3.45 34.09
C SER B 122 10.40 3.34 35.20
N HIS B 123 9.32 2.59 34.97
CA HIS B 123 8.31 2.36 36.00
C HIS B 123 7.45 1.13 35.67
C01 Y9P C . -28.79 -4.60 -19.60
C02 Y9P C . -27.39 -4.36 -19.47
C03 Y9P C . -26.67 -5.12 -18.51
C04 Y9P C . -27.37 -6.06 -17.77
C05 Y9P C . -29.37 -7.21 -17.15
C06 Y9P C . -27.57 -2.39 -20.99
C07 Y9P C . -26.88 -0.88 -20.88
C08 Y9P C . -27.47 -1.36 -23.10
C09 Y9P C . -27.62 -2.72 -22.27
N01 Y9P C . -28.67 -6.23 -17.95
N02 Y9P C . -29.36 -5.51 -18.84
N03 Y9P C . -26.71 -3.36 -20.28
N04 Y9P C . -27.13 -0.25 -22.04
O01 Y9P C . -26.68 -6.83 -16.79
CL01 Y9P C . -24.91 -4.91 -18.29
C1 EDO D . -25.51 -7.16 -5.13
O1 EDO D . -25.34 -5.76 -4.92
C2 EDO D . -24.62 -7.94 -4.18
O2 EDO D . -23.26 -7.58 -4.44
C1 EDO E . -36.66 -1.68 -9.57
O1 EDO E . -35.69 -2.14 -8.61
C2 EDO E . -36.00 -0.76 -10.56
O2 EDO E . -34.92 -1.45 -11.22
C1 EDO F . -8.74 -10.27 -23.06
O1 EDO F . -7.66 -9.78 -23.87
C2 EDO F . -9.98 -10.41 -23.94
O2 EDO F . -10.06 -9.25 -24.78
C1 EDO G . -6.22 0.17 -27.34
O1 EDO G . -7.40 1.00 -27.29
C2 EDO G . -6.46 -1.12 -26.56
O2 EDO G . -5.31 -1.95 -26.65
C1 EDO H . -32.33 1.82 -4.37
O1 EDO H . -32.06 2.89 -3.44
C2 EDO H . -32.94 0.63 -3.64
O2 EDO H . -34.03 1.09 -2.82
C1 EDO I . -18.55 -13.80 -9.74
O1 EDO I . -18.29 -14.45 -10.99
C2 EDO I . -17.55 -12.69 -9.53
O2 EDO I . -18.29 -11.49 -9.37
C01 Y9P J . 13.10 -0.36 -2.62
C02 Y9P J . 12.78 -0.21 -1.25
C03 Y9P J . 13.28 0.93 -0.55
C04 Y9P J . 14.06 1.84 -1.25
C05 Y9P J . 15.14 2.60 -3.25
C06 Y9P J . 11.54 -2.41 -1.22
C07 Y9P J . 11.70 -3.69 -0.15
C08 Y9P J . 9.80 -3.89 -1.52
C09 Y9P J . 10.26 -2.36 -1.54
N01 Y9P J . 14.32 1.63 -2.54
N02 Y9P J . 13.84 0.56 -3.19
N03 Y9P J . 11.96 -1.18 -0.53
N04 Y9P J . 10.79 -4.60 -0.52
O01 Y9P J . 14.60 2.99 -0.59
CL01 Y9P J . 12.91 1.18 1.17
C1 EDO K . 24.29 -2.83 -6.02
O1 EDO K . 23.20 -2.20 -5.34
C2 EDO K . 25.18 -1.77 -6.69
O2 EDO K . 25.81 -0.96 -5.69
C1 EDO L . 25.24 7.96 4.21
O1 EDO L . 24.56 7.77 5.46
C2 EDO L . 24.85 6.82 3.28
O2 EDO L . 25.10 5.56 3.92
C1 EDO M . -0.85 -1.33 17.94
O1 EDO M . -0.22 -0.24 17.26
C2 EDO M . -0.05 -2.61 17.79
O2 EDO M . -0.27 -3.20 16.50
C1 EDO N . 28.70 0.93 -7.26
O1 EDO N . 28.18 -0.07 -6.37
C2 EDO N . 28.31 0.57 -8.69
O2 EDO N . 26.92 0.20 -8.72
C1 EDO O . 9.94 13.17 10.87
O1 EDO O . 9.93 11.75 10.70
C2 EDO O . 10.62 13.87 9.70
O2 EDO O . 11.89 13.26 9.42
#